data_3GBB
#
_entry.id   3GBB
#
_cell.length_a   44.900
_cell.length_b   45.120
_cell.length_c   66.980
_cell.angle_alpha   100.890
_cell.angle_beta   92.310
_cell.angle_gamma   94.650
#
_symmetry.space_group_name_H-M   'P 1'
#
loop_
_entity.id
_entity.type
_entity.pdbx_description
1 polymer 'Glutamate receptor, ionotropic kainate 1'
2 non-polymer '(2R,3aR,7aR)-2-[(2S)-2-amino-3-hydroxy-3-oxo-propyl]-3,3a,5,6,7,7a-hexahydrofuro[4,5-b]pyran-2-carboxylic acid'
3 water water
#
_entity_poly.entity_id   1
_entity_poly.type   'polypeptide(L)'
_entity_poly.pdbx_seq_one_letter_code
;GANRTLIVTTILEEPYVMYRKSDKPLYGNDRFEGYCLDLLKELSNILGFLYDVKLVPDGKYGAQNDKGEWNGMVKELIDH
RADLAVAPLTITYVREKVIDFSKPFMTLGISILYRKGTPIDSADDLAKQTKIEYGAVRDGSTMTFFKKSKISTYEKMWAF
MSSRQQSALVKNSDEGIQRVLTTDYALLMESTSIEYVTQRNCNLTQIGGLIDSKGYGVGTPIGSPYRDKITIAILQLQEE
GKLHMMKEKWWRGNGCP
;
_entity_poly.pdbx_strand_id   A,B
#
# COMPACT_ATOMS: atom_id res chain seq x y z
N ASN A 3 28.92 -14.02 32.62
CA ASN A 3 29.33 -12.70 32.07
C ASN A 3 30.02 -12.91 30.73
N ARG A 4 29.51 -13.86 29.95
CA ARG A 4 30.05 -14.19 28.65
C ARG A 4 29.97 -12.99 27.71
N THR A 5 30.92 -12.89 26.80
CA THR A 5 30.91 -11.82 25.82
C THR A 5 30.31 -12.42 24.55
N LEU A 6 29.05 -12.07 24.30
CA LEU A 6 28.29 -12.58 23.16
C LEU A 6 28.79 -12.26 21.75
N ILE A 7 28.57 -13.21 20.83
CA ILE A 7 28.95 -13.05 19.45
C ILE A 7 27.70 -12.67 18.67
N VAL A 8 27.74 -11.51 18.02
CA VAL A 8 26.59 -11.05 17.24
C VAL A 8 26.88 -11.20 15.76
N THR A 9 26.06 -11.98 15.08
CA THR A 9 26.25 -12.15 13.66
C THR A 9 25.42 -11.08 12.96
N THR A 10 25.98 -10.50 11.89
CA THR A 10 25.28 -9.46 11.15
C THR A 10 25.83 -9.37 9.74
N ILE A 11 25.34 -8.41 8.97
CA ILE A 11 25.75 -8.26 7.57
C ILE A 11 25.78 -6.79 7.13
N LEU A 12 26.61 -6.49 6.14
CA LEU A 12 26.70 -5.12 5.65
C LEU A 12 25.45 -4.79 4.83
N GLU A 13 24.80 -3.70 5.19
CA GLU A 13 23.60 -3.28 4.49
C GLU A 13 23.24 -1.88 4.95
N GLU A 14 23.26 -0.92 4.03
CA GLU A 14 22.94 0.46 4.34
C GLU A 14 21.44 0.64 4.61
N PRO A 15 21.08 1.39 5.66
CA PRO A 15 21.96 2.10 6.62
C PRO A 15 21.92 1.37 7.96
N TYR A 16 21.73 0.05 7.90
CA TYR A 16 21.65 -0.78 9.09
C TYR A 16 23.03 -1.06 9.68
N VAL A 17 23.96 -1.42 8.81
CA VAL A 17 25.33 -1.72 9.23
C VAL A 17 26.27 -1.25 8.15
N MET A 18 27.21 -0.38 8.54
CA MET A 18 28.16 0.17 7.58
C MET A 18 29.51 0.42 8.24
N TYR A 19 30.54 0.55 7.42
CA TYR A 19 31.86 0.83 7.94
C TYR A 19 31.94 2.31 8.25
N ARG A 20 32.37 2.62 9.47
CA ARG A 20 32.49 3.99 9.92
C ARG A 20 33.62 4.67 9.16
N LYS A 21 33.37 5.88 8.68
CA LYS A 21 34.38 6.64 7.97
C LYS A 21 35.24 7.38 8.97
N SER A 22 36.56 7.19 8.88
CA SER A 22 37.48 7.85 9.81
C SER A 22 38.92 7.59 9.39
N ASP A 23 39.74 8.63 9.46
CA ASP A 23 41.15 8.55 9.10
C ASP A 23 41.92 7.86 10.23
N LYS A 24 41.22 7.62 11.33
CA LYS A 24 41.80 6.97 12.49
C LYS A 24 41.44 5.49 12.35
N PRO A 25 42.38 4.65 11.91
CA PRO A 25 42.07 3.22 11.77
C PRO A 25 41.38 2.67 13.01
N LEU A 26 40.11 2.30 12.86
CA LEU A 26 39.31 1.77 13.96
C LEU A 26 39.35 0.25 14.03
N TYR A 27 39.14 -0.26 15.24
CA TYR A 27 39.14 -1.71 15.48
C TYR A 27 37.93 -2.12 16.32
N GLY A 28 37.61 -3.41 16.29
CA GLY A 28 36.50 -3.92 17.07
C GLY A 28 35.14 -3.46 16.56
N ASN A 29 34.19 -3.36 17.48
CA ASN A 29 32.84 -2.92 17.12
C ASN A 29 32.83 -1.47 16.65
N ASP A 30 33.86 -0.71 17.00
CA ASP A 30 33.95 0.69 16.61
C ASP A 30 34.01 0.88 15.09
N ARG A 31 34.41 -0.17 14.38
CA ARG A 31 34.53 -0.12 12.93
C ARG A 31 33.17 0.05 12.24
N PHE A 32 32.11 -0.35 12.93
CA PHE A 32 30.77 -0.29 12.38
C PHE A 32 29.85 0.77 13.02
N GLU A 33 28.80 1.13 12.28
CA GLU A 33 27.81 2.11 12.73
C GLU A 33 26.52 1.86 11.93
N GLY A 34 25.42 2.44 12.39
CA GLY A 34 24.17 2.28 11.67
C GLY A 34 23.00 1.93 12.57
N TYR A 35 21.82 1.84 11.98
CA TYR A 35 20.61 1.51 12.72
C TYR A 35 20.79 0.30 13.63
N CYS A 36 21.26 -0.81 13.06
CA CYS A 36 21.43 -2.03 13.85
C CYS A 36 22.45 -1.92 14.96
N LEU A 37 23.51 -1.15 14.75
CA LEU A 37 24.50 -1.00 15.81
C LEU A 37 23.93 -0.15 16.94
N ASP A 38 23.14 0.87 16.59
CA ASP A 38 22.51 1.68 17.64
C ASP A 38 21.56 0.76 18.39
N LEU A 39 20.89 -0.13 17.66
CA LEU A 39 19.95 -1.07 18.26
C LEU A 39 20.67 -2.04 19.18
N LEU A 40 21.77 -2.60 18.71
CA LEU A 40 22.54 -3.55 19.51
C LEU A 40 23.04 -2.82 20.75
N LYS A 41 23.41 -1.55 20.61
CA LYS A 41 23.88 -0.78 21.76
C LYS A 41 22.77 -0.63 22.80
N GLU A 42 21.56 -0.34 22.35
CA GLU A 42 20.43 -0.20 23.27
C GLU A 42 20.19 -1.51 24.00
N LEU A 43 20.18 -2.61 23.24
CA LEU A 43 19.96 -3.94 23.82
C LEU A 43 21.03 -4.22 24.86
N SER A 44 22.28 -3.94 24.50
CA SER A 44 23.42 -4.15 25.37
C SER A 44 23.24 -3.46 26.73
N ASN A 45 22.73 -2.24 26.70
CA ASN A 45 22.52 -1.44 27.92
C ASN A 45 21.26 -1.83 28.70
N ILE A 46 20.18 -2.12 27.98
CA ILE A 46 18.92 -2.50 28.59
C ILE A 46 19.02 -3.86 29.29
N LEU A 47 19.82 -4.77 28.73
CA LEU A 47 19.96 -6.11 29.30
C LEU A 47 21.33 -6.34 29.94
N GLY A 48 22.22 -5.37 29.78
CA GLY A 48 23.55 -5.48 30.36
C GLY A 48 24.40 -6.65 29.91
N PHE A 49 24.78 -6.70 28.64
CA PHE A 49 25.62 -7.78 28.14
C PHE A 49 26.74 -7.27 27.25
N LEU A 50 27.84 -8.02 27.19
CA LEU A 50 29.00 -7.67 26.36
C LEU A 50 28.81 -8.36 25.03
N TYR A 51 29.49 -7.88 23.98
CA TYR A 51 29.34 -8.50 22.67
C TYR A 51 30.45 -8.14 21.71
N ASP A 52 30.57 -8.93 20.66
CA ASP A 52 31.57 -8.72 19.63
C ASP A 52 30.89 -8.92 18.26
N VAL A 53 30.81 -7.85 17.48
CA VAL A 53 30.18 -7.92 16.17
C VAL A 53 30.99 -8.72 15.16
N LYS A 54 30.35 -9.72 14.57
CA LYS A 54 30.99 -10.59 13.57
C LYS A 54 30.21 -10.66 12.26
N LEU A 55 30.82 -10.15 11.18
CA LEU A 55 30.18 -10.18 9.87
C LEU A 55 30.06 -11.62 9.42
N VAL A 56 28.86 -12.04 9.03
CA VAL A 56 28.65 -13.40 8.57
C VAL A 56 29.68 -13.68 7.46
N PRO A 57 30.44 -14.77 7.61
CA PRO A 57 31.48 -15.19 6.66
C PRO A 57 31.08 -15.26 5.18
N ASP A 58 29.97 -15.90 4.87
CA ASP A 58 29.53 -16.04 3.49
C ASP A 58 28.77 -14.84 2.92
N GLY A 59 28.56 -13.82 3.73
CA GLY A 59 27.86 -12.63 3.26
C GLY A 59 26.42 -12.85 2.82
N LYS A 60 25.81 -13.92 3.30
CA LYS A 60 24.43 -14.23 2.95
C LYS A 60 23.52 -14.07 4.15
N TYR A 61 22.25 -13.79 3.88
CA TYR A 61 21.26 -13.64 4.93
C TYR A 61 20.88 -15.02 5.45
N GLY A 62 20.69 -15.96 4.53
CA GLY A 62 20.35 -17.31 4.92
C GLY A 62 19.20 -17.93 4.14
N ALA A 63 19.49 -19.04 3.47
CA ALA A 63 18.50 -19.77 2.68
C ALA A 63 18.82 -21.26 2.79
N GLN A 64 17.81 -22.09 2.61
CA GLN A 64 17.95 -23.54 2.68
C GLN A 64 18.06 -24.14 1.28
N ASN A 65 19.20 -24.75 0.96
CA ASN A 65 19.39 -25.34 -0.37
C ASN A 65 18.57 -26.62 -0.58
N ASP A 66 18.95 -27.40 -1.57
CA ASP A 66 18.24 -28.63 -1.89
C ASP A 66 18.27 -29.67 -0.75
N LYS A 67 19.42 -29.79 -0.10
CA LYS A 67 19.58 -30.76 0.99
C LYS A 67 18.97 -30.29 2.31
N GLY A 68 18.24 -29.19 2.28
CA GLY A 68 17.64 -28.68 3.51
C GLY A 68 18.74 -28.12 4.40
N GLU A 69 19.80 -27.66 3.76
CA GLU A 69 20.97 -27.10 4.43
C GLU A 69 20.91 -25.57 4.42
N TRP A 70 21.10 -24.94 5.57
CA TRP A 70 21.06 -23.48 5.67
C TRP A 70 22.44 -22.84 5.58
N ASN A 71 22.47 -21.58 5.18
CA ASN A 71 23.71 -20.80 5.08
C ASN A 71 23.47 -19.42 5.70
N GLY A 72 24.43 -18.52 5.55
CA GLY A 72 24.28 -17.17 6.09
C GLY A 72 24.14 -17.05 7.61
N MET A 73 23.52 -15.95 8.05
CA MET A 73 23.32 -15.69 9.48
C MET A 73 22.45 -16.74 10.14
N VAL A 74 21.44 -17.23 9.43
CA VAL A 74 20.55 -18.25 9.96
C VAL A 74 21.36 -19.48 10.35
N LYS A 75 22.35 -19.82 9.52
CA LYS A 75 23.21 -20.97 9.76
C LYS A 75 24.12 -20.72 10.97
N GLU A 76 24.65 -19.50 11.06
CA GLU A 76 25.53 -19.15 12.17
C GLU A 76 24.82 -19.33 13.50
N LEU A 77 23.51 -19.05 13.51
CA LEU A 77 22.73 -19.19 14.72
C LEU A 77 22.47 -20.67 15.03
N ILE A 78 22.09 -21.42 14.00
CA ILE A 78 21.80 -22.85 14.16
C ILE A 78 22.99 -23.63 14.72
N ASP A 79 24.17 -23.40 14.17
CA ASP A 79 25.37 -24.09 14.64
C ASP A 79 25.94 -23.41 15.89
N HIS A 80 25.12 -22.60 16.54
CA HIS A 80 25.53 -21.90 17.75
C HIS A 80 26.88 -21.18 17.62
N ARG A 81 27.16 -20.64 16.44
CA ARG A 81 28.40 -19.90 16.24
C ARG A 81 28.17 -18.42 16.50
N ALA A 82 26.97 -18.10 16.96
CA ALA A 82 26.58 -16.73 17.28
C ALA A 82 25.44 -16.82 18.29
N ASP A 83 25.48 -15.95 19.29
CA ASP A 83 24.45 -15.92 20.32
C ASP A 83 23.20 -15.24 19.83
N LEU A 84 23.38 -14.26 18.95
CA LEU A 84 22.26 -13.55 18.37
C LEU A 84 22.62 -12.85 17.07
N ALA A 85 21.59 -12.61 16.26
CA ALA A 85 21.75 -11.94 14.97
C ALA A 85 21.00 -10.61 15.03
N VAL A 86 21.72 -9.51 14.82
CA VAL A 86 21.12 -8.18 14.83
C VAL A 86 21.38 -7.52 13.47
N ALA A 87 20.38 -7.59 12.60
CA ALA A 87 20.47 -7.05 11.25
C ALA A 87 19.09 -7.00 10.63
N PRO A 88 18.99 -6.57 9.36
CA PRO A 88 17.67 -6.54 8.71
C PRO A 88 17.31 -7.98 8.33
N LEU A 89 17.08 -8.79 9.36
CA LEU A 89 16.75 -10.20 9.20
C LEU A 89 15.24 -10.42 9.22
N THR A 90 14.71 -10.81 8.07
CA THR A 90 13.28 -11.04 7.91
C THR A 90 12.69 -12.26 8.62
N ILE A 91 11.64 -12.00 9.40
CA ILE A 91 10.91 -13.02 10.14
C ILE A 91 9.99 -13.77 9.15
N THR A 92 10.24 -15.05 8.97
CA THR A 92 9.43 -15.86 8.07
C THR A 92 9.07 -17.18 8.73
N TYR A 93 7.99 -17.80 8.25
CA TYR A 93 7.51 -19.08 8.77
C TYR A 93 8.59 -20.16 8.69
N VAL A 94 9.15 -20.35 7.49
CA VAL A 94 10.18 -21.36 7.27
C VAL A 94 11.41 -21.16 8.17
N ARG A 95 11.69 -19.90 8.53
CA ARG A 95 12.82 -19.61 9.39
C ARG A 95 12.49 -19.91 10.85
N GLU A 96 11.24 -19.65 11.24
CA GLU A 96 10.82 -19.90 12.61
C GLU A 96 10.88 -21.38 12.95
N LYS A 97 11.08 -22.22 11.92
CA LYS A 97 11.16 -23.66 12.13
C LYS A 97 12.51 -24.02 12.71
N VAL A 98 13.53 -23.23 12.38
CA VAL A 98 14.87 -23.52 12.86
C VAL A 98 15.48 -22.51 13.84
N ILE A 99 14.91 -21.32 13.95
CA ILE A 99 15.42 -20.31 14.90
C ILE A 99 14.32 -19.44 15.49
N ASP A 100 14.68 -18.64 16.49
CA ASP A 100 13.73 -17.74 17.14
C ASP A 100 13.89 -16.29 16.71
N PHE A 101 12.79 -15.56 16.74
CA PHE A 101 12.74 -14.14 16.39
C PHE A 101 12.05 -13.37 17.50
N SER A 102 12.58 -12.20 17.83
CA SER A 102 11.99 -11.36 18.86
C SER A 102 10.78 -10.66 18.26
N LYS A 103 10.09 -9.87 19.05
CA LYS A 103 8.98 -9.10 18.54
C LYS A 103 9.66 -8.26 17.47
N PRO A 104 8.95 -7.91 16.39
CA PRO A 104 9.53 -7.12 15.30
C PRO A 104 9.98 -5.73 15.74
N PHE A 105 11.13 -5.26 15.26
CA PHE A 105 11.57 -3.93 15.62
C PHE A 105 11.32 -2.97 14.46
N MET A 106 10.89 -3.53 13.32
N MET A 106 10.85 -3.51 13.34
CA MET A 106 10.59 -2.75 12.13
CA MET A 106 10.53 -2.71 12.17
C MET A 106 9.69 -3.56 11.21
C MET A 106 9.66 -3.52 11.21
N THR A 107 8.73 -2.89 10.57
N THR A 107 8.68 -2.85 10.60
CA THR A 107 7.82 -3.57 9.66
CA THR A 107 7.76 -3.51 9.67
C THR A 107 8.19 -3.20 8.23
C THR A 107 8.12 -3.16 8.23
N LEU A 108 7.77 -4.02 7.28
CA LEU A 108 8.08 -3.78 5.87
C LEU A 108 7.42 -4.81 4.96
N GLY A 109 7.78 -4.78 3.68
CA GLY A 109 7.22 -5.72 2.72
C GLY A 109 7.97 -5.73 1.41
N ILE A 110 7.82 -6.79 0.63
CA ILE A 110 8.48 -6.87 -0.66
C ILE A 110 7.79 -5.93 -1.64
N SER A 111 8.59 -5.21 -2.42
CA SER A 111 8.04 -4.32 -3.44
C SER A 111 9.02 -4.24 -4.61
N ILE A 112 8.78 -3.30 -5.51
CA ILE A 112 9.59 -3.17 -6.71
C ILE A 112 10.33 -1.85 -6.86
N LEU A 113 11.64 -1.93 -7.10
CA LEU A 113 12.47 -0.74 -7.33
C LEU A 113 12.74 -0.66 -8.82
N TYR A 114 12.38 0.47 -9.42
CA TYR A 114 12.58 0.64 -10.86
C TYR A 114 12.72 2.13 -11.20
N ARG A 115 13.05 2.41 -12.46
CA ARG A 115 13.17 3.78 -12.94
C ARG A 115 11.77 4.37 -12.98
N LYS A 116 11.67 5.69 -12.91
CA LYS A 116 10.35 6.30 -12.96
C LYS A 116 10.01 6.72 -14.38
N GLY A 117 8.77 7.14 -14.60
CA GLY A 117 8.35 7.57 -15.92
C GLY A 117 7.97 6.48 -16.90
N THR A 118 7.88 5.24 -16.45
CA THR A 118 7.49 4.15 -17.34
C THR A 118 6.05 3.75 -17.03
N PRO A 119 5.42 3.01 -17.94
CA PRO A 119 4.04 2.60 -17.70
C PRO A 119 3.88 1.41 -16.76
N ILE A 120 4.98 0.77 -16.38
CA ILE A 120 4.90 -0.37 -15.46
C ILE A 120 4.31 0.09 -14.14
N ASP A 121 3.32 -0.66 -13.65
CA ASP A 121 2.66 -0.28 -12.40
C ASP A 121 2.47 -1.41 -11.39
N SER A 122 2.84 -2.63 -11.74
CA SER A 122 2.63 -3.73 -10.81
C SER A 122 3.52 -4.93 -11.08
N ALA A 123 3.55 -5.86 -10.13
CA ALA A 123 4.33 -7.07 -10.32
C ALA A 123 3.78 -7.77 -11.56
N ASP A 124 2.48 -7.67 -11.75
CA ASP A 124 1.84 -8.30 -12.89
C ASP A 124 2.36 -7.76 -14.22
N ASP A 125 2.57 -6.45 -14.29
CA ASP A 125 3.09 -5.84 -15.52
C ASP A 125 4.49 -6.37 -15.80
N LEU A 126 5.20 -6.74 -14.74
CA LEU A 126 6.55 -7.27 -14.84
C LEU A 126 6.54 -8.73 -15.28
N ALA A 127 5.68 -9.53 -14.65
CA ALA A 127 5.57 -10.95 -14.93
C ALA A 127 5.00 -11.30 -16.31
N LYS A 128 4.15 -10.42 -16.85
CA LYS A 128 3.52 -10.64 -18.15
C LYS A 128 4.44 -10.36 -19.32
N GLN A 129 5.51 -9.61 -19.07
CA GLN A 129 6.46 -9.27 -20.11
C GLN A 129 7.81 -9.91 -19.86
N THR A 130 8.77 -9.65 -20.76
CA THR A 130 10.10 -10.24 -20.66
C THR A 130 11.22 -9.29 -21.10
N LYS A 131 10.85 -8.13 -21.64
CA LYS A 131 11.83 -7.15 -22.09
C LYS A 131 12.58 -6.56 -20.89
N ILE A 132 11.83 -6.09 -19.89
CA ILE A 132 12.43 -5.54 -18.68
C ILE A 132 12.89 -6.72 -17.83
N GLU A 133 14.19 -6.80 -17.55
CA GLU A 133 14.72 -7.88 -16.72
C GLU A 133 14.47 -7.57 -15.24
N TYR A 134 14.27 -8.61 -14.42
CA TYR A 134 14.03 -8.39 -12.99
C TYR A 134 14.51 -9.57 -12.15
N GLY A 135 14.87 -9.30 -10.89
CA GLY A 135 15.35 -10.35 -10.01
C GLY A 135 15.40 -9.90 -8.56
N ALA A 136 16.19 -10.62 -7.75
CA ALA A 136 16.32 -10.33 -6.32
C ALA A 136 17.69 -10.73 -5.79
N VAL A 137 17.96 -10.40 -4.53
CA VAL A 137 19.23 -10.76 -3.89
C VAL A 137 19.24 -12.28 -3.66
N ARG A 138 20.30 -12.94 -4.11
CA ARG A 138 20.41 -14.39 -3.97
C ARG A 138 20.48 -14.86 -2.51
N ASP A 139 19.74 -15.92 -2.22
CA ASP A 139 19.70 -16.51 -0.89
C ASP A 139 19.15 -15.63 0.22
N GLY A 140 18.10 -14.89 -0.08
CA GLY A 140 17.47 -14.05 0.91
C GLY A 140 16.00 -14.42 0.98
N SER A 141 15.28 -13.83 1.93
CA SER A 141 13.85 -14.13 2.09
C SER A 141 13.02 -13.75 0.86
N THR A 142 13.46 -12.74 0.11
CA THR A 142 12.71 -12.36 -1.07
C THR A 142 12.87 -13.41 -2.17
N MET A 143 14.07 -13.97 -2.31
CA MET A 143 14.29 -14.98 -3.33
C MET A 143 13.46 -16.23 -3.04
N THR A 144 13.43 -16.65 -1.78
CA THR A 144 12.68 -17.84 -1.41
C THR A 144 11.18 -17.58 -1.48
N PHE A 145 10.77 -16.33 -1.26
CA PHE A 145 9.35 -15.97 -1.34
C PHE A 145 8.87 -16.38 -2.73
N PHE A 146 9.63 -15.98 -3.75
CA PHE A 146 9.27 -16.31 -5.13
C PHE A 146 9.50 -17.78 -5.45
N LYS A 147 10.62 -18.33 -5.02
CA LYS A 147 10.93 -19.72 -5.30
C LYS A 147 9.89 -20.70 -4.77
N LYS A 148 9.33 -20.40 -3.60
CA LYS A 148 8.35 -21.29 -3.00
C LYS A 148 6.89 -20.87 -3.17
N SER A 149 6.64 -19.74 -3.83
CA SER A 149 5.27 -19.28 -4.00
C SER A 149 4.40 -20.21 -4.82
N LYS A 150 3.10 -20.19 -4.51
CA LYS A 150 2.12 -21.00 -5.20
C LYS A 150 1.21 -20.08 -6.01
N ILE A 151 1.44 -18.78 -5.87
CA ILE A 151 0.67 -17.78 -6.58
C ILE A 151 1.14 -17.81 -8.03
N SER A 152 0.20 -17.99 -8.96
CA SER A 152 0.53 -18.05 -10.37
C SER A 152 1.52 -16.99 -10.83
N THR A 153 1.17 -15.72 -10.59
CA THR A 153 2.01 -14.60 -10.99
C THR A 153 3.45 -14.70 -10.53
N TYR A 154 3.66 -15.00 -9.25
CA TYR A 154 5.00 -15.10 -8.69
C TYR A 154 5.76 -16.34 -9.16
N GLU A 155 5.04 -17.40 -9.51
CA GLU A 155 5.69 -18.61 -9.99
C GLU A 155 6.28 -18.28 -11.36
N LYS A 156 5.52 -17.52 -12.14
CA LYS A 156 5.95 -17.12 -13.47
C LYS A 156 7.17 -16.21 -13.35
N MET A 157 7.15 -15.32 -12.35
CA MET A 157 8.28 -14.42 -12.12
C MET A 157 9.51 -15.21 -11.68
N TRP A 158 9.31 -16.24 -10.88
CA TRP A 158 10.42 -17.06 -10.42
C TRP A 158 11.01 -17.83 -11.60
N ALA A 159 10.15 -18.28 -12.51
CA ALA A 159 10.63 -19.01 -13.68
C ALA A 159 11.52 -18.09 -14.49
N PHE A 160 11.15 -16.80 -14.54
CA PHE A 160 11.96 -15.85 -15.30
C PHE A 160 13.27 -15.53 -14.61
N MET A 161 13.21 -15.05 -13.37
CA MET A 161 14.43 -14.67 -12.67
C MET A 161 15.38 -15.81 -12.35
N SER A 162 14.91 -17.05 -12.41
CA SER A 162 15.80 -18.18 -12.15
C SER A 162 16.17 -18.90 -13.45
N SER A 163 15.57 -18.50 -14.56
CA SER A 163 15.83 -19.14 -15.85
C SER A 163 17.30 -19.27 -16.18
N ARG A 164 17.63 -20.23 -17.03
CA ARG A 164 19.02 -20.45 -17.44
C ARG A 164 19.40 -19.44 -18.53
N GLN A 165 18.42 -19.05 -19.34
CA GLN A 165 18.64 -18.10 -20.42
C GLN A 165 19.48 -16.91 -19.96
N GLN A 166 19.36 -16.58 -18.68
CA GLN A 166 20.08 -15.45 -18.13
C GLN A 166 20.42 -15.56 -16.64
N SER A 167 21.00 -14.50 -16.10
CA SER A 167 21.38 -14.42 -14.70
C SER A 167 20.66 -13.21 -14.11
N ALA A 168 19.42 -13.42 -13.69
CA ALA A 168 18.63 -12.34 -13.13
C ALA A 168 18.84 -12.03 -11.66
N LEU A 169 19.40 -12.97 -10.89
CA LEU A 169 19.63 -12.73 -9.45
C LEU A 169 20.93 -11.98 -9.22
N VAL A 170 21.00 -11.22 -8.13
CA VAL A 170 22.19 -10.46 -7.82
C VAL A 170 22.79 -10.88 -6.48
N LYS A 171 24.09 -10.68 -6.34
CA LYS A 171 24.80 -11.08 -5.11
C LYS A 171 24.34 -10.35 -3.86
N ASN A 172 24.18 -9.04 -3.95
CA ASN A 172 23.77 -8.21 -2.82
C ASN A 172 22.95 -7.03 -3.30
N SER A 173 22.46 -6.22 -2.37
CA SER A 173 21.64 -5.06 -2.72
C SER A 173 22.35 -4.03 -3.59
N ASP A 174 23.62 -3.72 -3.28
CA ASP A 174 24.38 -2.73 -4.06
C ASP A 174 24.38 -3.12 -5.54
N GLU A 175 24.72 -4.38 -5.81
CA GLU A 175 24.77 -4.90 -7.17
C GLU A 175 23.40 -4.75 -7.82
N GLY A 176 22.34 -5.05 -7.07
CA GLY A 176 21.01 -4.92 -7.60
C GLY A 176 20.70 -3.47 -7.95
N ILE A 177 21.06 -2.56 -7.06
CA ILE A 177 20.80 -1.13 -7.27
C ILE A 177 21.56 -0.61 -8.48
N GLN A 178 22.84 -0.97 -8.59
CA GLN A 178 23.63 -0.53 -9.73
C GLN A 178 22.98 -1.05 -11.02
N ARG A 179 22.47 -2.27 -10.96
CA ARG A 179 21.84 -2.86 -12.13
C ARG A 179 20.60 -2.05 -12.58
N VAL A 180 19.81 -1.58 -11.61
CA VAL A 180 18.63 -0.78 -11.91
C VAL A 180 18.97 0.57 -12.54
N LEU A 181 20.10 1.13 -12.13
CA LEU A 181 20.56 2.44 -12.61
C LEU A 181 21.26 2.44 -13.96
N THR A 182 21.86 1.31 -14.35
CA THR A 182 22.60 1.25 -15.59
C THR A 182 22.01 0.39 -16.68
N THR A 183 20.95 -0.36 -16.37
CA THR A 183 20.32 -1.22 -17.36
C THR A 183 18.81 -1.27 -17.15
N ASP A 184 18.08 -1.88 -18.08
CA ASP A 184 16.63 -1.94 -17.93
C ASP A 184 16.32 -3.12 -17.03
N TYR A 185 16.45 -2.88 -15.73
CA TYR A 185 16.25 -3.90 -14.71
C TYR A 185 15.45 -3.34 -13.53
N ALA A 186 14.56 -4.17 -12.97
CA ALA A 186 13.75 -3.80 -11.82
C ALA A 186 14.12 -4.78 -10.71
N LEU A 187 14.46 -4.27 -9.54
CA LEU A 187 14.84 -5.14 -8.44
C LEU A 187 13.71 -5.35 -7.42
N LEU A 188 13.39 -6.60 -7.11
CA LEU A 188 12.37 -6.83 -6.09
C LEU A 188 13.17 -6.73 -4.79
N MET A 189 12.78 -5.76 -3.97
CA MET A 189 13.49 -5.45 -2.74
C MET A 189 12.53 -5.10 -1.61
N GLU A 190 13.00 -5.21 -0.37
CA GLU A 190 12.14 -4.88 0.76
C GLU A 190 11.92 -3.36 0.80
N SER A 191 10.69 -2.96 1.11
CA SER A 191 10.27 -1.55 1.12
C SER A 191 11.01 -0.49 1.93
N THR A 192 11.57 -0.85 3.08
CA THR A 192 12.28 0.15 3.87
C THR A 192 13.58 0.57 3.19
N SER A 193 14.14 -0.32 2.39
CA SER A 193 15.37 -0.01 1.67
C SER A 193 15.03 0.73 0.37
N ILE A 194 13.86 0.43 -0.21
CA ILE A 194 13.42 1.09 -1.42
C ILE A 194 13.21 2.56 -1.08
N GLU A 195 12.64 2.81 0.10
CA GLU A 195 12.40 4.17 0.58
C GLU A 195 13.76 4.89 0.69
N TYR A 196 14.73 4.21 1.31
CA TYR A 196 16.08 4.77 1.50
C TYR A 196 16.75 5.06 0.15
N VAL A 197 16.70 4.09 -0.75
CA VAL A 197 17.31 4.22 -2.07
C VAL A 197 16.68 5.30 -2.95
N THR A 198 15.36 5.31 -3.02
CA THR A 198 14.69 6.31 -3.85
C THR A 198 14.88 7.73 -3.38
N GLN A 199 15.00 7.93 -2.06
CA GLN A 199 15.19 9.28 -1.54
C GLN A 199 16.62 9.81 -1.77
N ARG A 200 17.48 8.94 -2.29
CA ARG A 200 18.86 9.29 -2.58
C ARG A 200 19.17 9.06 -4.07
N ASN A 201 18.13 8.73 -4.83
CA ASN A 201 18.22 8.49 -6.27
C ASN A 201 16.88 8.91 -6.83
N CYS A 202 16.75 10.19 -7.15
CA CYS A 202 15.50 10.74 -7.63
C CYS A 202 15.00 10.31 -9.00
N ASN A 203 15.79 9.52 -9.71
CA ASN A 203 15.36 9.01 -11.01
C ASN A 203 14.72 7.63 -10.79
N LEU A 204 14.75 7.15 -9.54
CA LEU A 204 14.17 5.85 -9.23
C LEU A 204 12.89 5.98 -8.41
N THR A 205 12.08 4.92 -8.38
CA THR A 205 10.82 4.94 -7.65
C THR A 205 10.33 3.55 -7.32
N GLN A 206 9.36 3.48 -6.41
CA GLN A 206 8.78 2.20 -6.07
C GLN A 206 7.65 1.98 -7.08
N ILE A 207 7.50 0.74 -7.54
CA ILE A 207 6.47 0.39 -8.50
C ILE A 207 5.41 -0.39 -7.72
N GLY A 208 4.21 0.16 -7.62
CA GLY A 208 3.14 -0.51 -6.90
C GLY A 208 3.32 -0.42 -5.38
N GLY A 209 2.60 -1.27 -4.66
CA GLY A 209 2.68 -1.30 -3.21
C GLY A 209 3.38 -2.55 -2.73
N LEU A 210 3.30 -2.82 -1.42
CA LEU A 210 3.93 -4.02 -0.85
C LEU A 210 3.09 -5.24 -1.23
N ILE A 211 3.74 -6.34 -1.60
CA ILE A 211 3.02 -7.55 -1.99
C ILE A 211 2.91 -8.56 -0.85
N ASP A 212 3.43 -8.19 0.31
CA ASP A 212 3.32 -9.02 1.51
C ASP A 212 3.64 -8.11 2.70
N SER A 213 3.43 -8.59 3.91
CA SER A 213 3.67 -7.77 5.08
C SER A 213 4.35 -8.59 6.18
N LYS A 214 5.52 -8.12 6.61
CA LYS A 214 6.28 -8.81 7.64
C LYS A 214 7.20 -7.83 8.37
N GLY A 215 8.05 -8.33 9.25
CA GLY A 215 8.94 -7.44 9.97
C GLY A 215 10.31 -8.02 10.23
N TYR A 216 11.19 -7.20 10.77
CA TYR A 216 12.55 -7.61 11.10
C TYR A 216 12.59 -7.87 12.59
N GLY A 217 13.27 -8.94 13.00
CA GLY A 217 13.39 -9.26 14.40
C GLY A 217 14.79 -9.72 14.76
N VAL A 218 15.12 -9.65 16.05
CA VAL A 218 16.42 -10.09 16.51
C VAL A 218 16.40 -11.61 16.55
N GLY A 219 17.42 -12.23 15.96
CA GLY A 219 17.46 -13.67 15.94
C GLY A 219 18.35 -14.31 16.99
N THR A 220 17.89 -15.43 17.55
CA THR A 220 18.65 -16.16 18.56
C THR A 220 18.44 -17.67 18.37
N PRO A 221 19.43 -18.49 18.77
CA PRO A 221 19.28 -19.94 18.62
C PRO A 221 18.03 -20.35 19.39
N ILE A 222 17.29 -21.32 18.87
CA ILE A 222 16.08 -21.75 19.55
C ILE A 222 16.42 -22.23 20.95
N GLY A 223 15.64 -21.78 21.94
CA GLY A 223 15.91 -22.16 23.32
C GLY A 223 17.07 -21.38 23.93
N SER A 224 17.11 -20.07 23.65
CA SER A 224 18.16 -19.20 24.18
C SER A 224 17.66 -18.54 25.46
N PRO A 225 18.56 -18.34 26.45
CA PRO A 225 18.16 -17.71 27.71
C PRO A 225 17.86 -16.23 27.56
N TYR A 226 18.43 -15.61 26.54
CA TYR A 226 18.22 -14.18 26.26
C TYR A 226 16.92 -13.97 25.49
N ARG A 227 16.46 -15.01 24.82
CA ARG A 227 15.24 -14.98 24.02
C ARG A 227 14.09 -14.13 24.57
N ASP A 228 13.81 -14.24 25.87
CA ASP A 228 12.71 -13.47 26.46
C ASP A 228 13.07 -12.01 26.79
N LYS A 229 14.27 -11.80 27.33
CA LYS A 229 14.72 -10.45 27.68
C LYS A 229 14.75 -9.57 26.43
N ILE A 230 15.35 -10.10 25.35
CA ILE A 230 15.45 -9.38 24.09
C ILE A 230 14.11 -8.78 23.67
N THR A 231 13.08 -9.63 23.63
CA THR A 231 11.74 -9.20 23.24
C THR A 231 11.18 -8.15 24.18
N ILE A 232 11.53 -8.27 25.47
CA ILE A 232 11.06 -7.31 26.47
C ILE A 232 11.66 -5.94 26.16
N ALA A 233 12.97 -5.92 25.95
CA ALA A 233 13.69 -4.70 25.64
C ALA A 233 13.15 -4.05 24.35
N ILE A 234 12.77 -4.87 23.37
CA ILE A 234 12.22 -4.36 22.12
C ILE A 234 10.91 -3.63 22.36
N LEU A 235 10.03 -4.24 23.17
CA LEU A 235 8.75 -3.61 23.47
C LEU A 235 8.97 -2.29 24.21
N GLN A 236 10.00 -2.25 25.06
CA GLN A 236 10.32 -1.04 25.81
C GLN A 236 10.77 0.07 24.85
N LEU A 237 11.70 -0.27 23.96
CA LEU A 237 12.21 0.70 22.99
C LEU A 237 11.08 1.24 22.12
N GLN A 238 10.20 0.34 21.70
CA GLN A 238 9.06 0.68 20.87
C GLN A 238 8.12 1.62 21.64
N GLU A 239 7.83 1.25 22.89
CA GLU A 239 6.97 2.02 23.78
C GLU A 239 7.45 3.44 23.99
N GLU A 240 8.75 3.58 24.23
CA GLU A 240 9.36 4.88 24.49
C GLU A 240 9.58 5.75 23.26
N GLY A 241 9.20 5.23 22.08
CA GLY A 241 9.37 5.99 20.84
C GLY A 241 10.80 5.91 20.33
N LYS A 242 11.61 5.09 21.00
CA LYS A 242 13.02 4.92 20.66
C LYS A 242 13.29 4.35 19.26
N LEU A 243 12.57 3.29 18.88
CA LEU A 243 12.75 2.67 17.58
C LEU A 243 12.40 3.67 16.48
N HIS A 244 11.33 4.43 16.70
CA HIS A 244 10.89 5.43 15.75
C HIS A 244 11.99 6.49 15.58
N MET A 245 12.63 6.88 16.67
CA MET A 245 13.69 7.88 16.60
C MET A 245 14.88 7.36 15.81
N MET A 246 15.25 6.11 16.06
CA MET A 246 16.37 5.47 15.38
C MET A 246 16.16 5.38 13.88
N LYS A 247 14.96 5.01 13.46
CA LYS A 247 14.60 4.92 12.04
C LYS A 247 14.75 6.28 11.36
N GLU A 248 14.17 7.30 11.99
CA GLU A 248 14.21 8.67 11.49
C GLU A 248 15.67 9.15 11.42
N LYS A 249 16.46 8.83 12.43
CA LYS A 249 17.85 9.27 12.46
C LYS A 249 18.64 8.79 11.24
N TRP A 250 18.51 7.50 10.90
CA TRP A 250 19.26 6.94 9.79
C TRP A 250 18.64 7.11 8.40
N TRP A 251 17.34 7.39 8.35
CA TRP A 251 16.67 7.57 7.07
C TRP A 251 16.53 9.04 6.67
N ARG A 252 16.80 9.95 7.61
CA ARG A 252 16.68 11.38 7.35
C ARG A 252 17.55 11.83 6.17
N GLY A 253 17.00 12.70 5.34
CA GLY A 253 17.75 13.19 4.18
C GLY A 253 17.03 14.29 3.42
N ASN A 254 17.65 14.79 2.37
CA ASN A 254 17.07 15.88 1.58
C ASN A 254 15.81 15.52 0.80
N GLY A 255 15.69 14.26 0.40
CA GLY A 255 14.50 13.84 -0.33
C GLY A 255 14.54 14.17 -1.82
N CYS A 256 13.39 14.08 -2.47
CA CYS A 256 13.32 14.35 -3.90
C CYS A 256 12.30 15.37 -4.37
N PRO A 257 12.78 16.45 -4.98
CA PRO A 257 11.96 17.52 -5.53
C PRO A 257 12.63 17.94 -6.84
N GLY B 1 -30.77 17.54 -31.08
CA GLY B 1 -31.90 16.71 -31.57
C GLY B 1 -32.02 15.38 -30.87
N ALA B 2 -32.93 14.54 -31.34
CA ALA B 2 -33.16 13.22 -30.76
C ALA B 2 -31.88 12.41 -30.54
N ASN B 3 -30.96 12.44 -31.50
CA ASN B 3 -29.72 11.68 -31.36
C ASN B 3 -28.51 12.48 -30.88
N ARG B 4 -28.77 13.52 -30.11
CA ARG B 4 -27.69 14.35 -29.56
C ARG B 4 -26.79 13.51 -28.67
N THR B 5 -25.49 13.75 -28.72
CA THR B 5 -24.56 13.01 -27.88
C THR B 5 -24.88 13.38 -26.43
N LEU B 6 -24.76 12.43 -25.52
CA LEU B 6 -25.05 12.70 -24.11
C LEU B 6 -23.77 13.10 -23.37
N ILE B 7 -23.89 14.12 -22.52
CA ILE B 7 -22.75 14.58 -21.74
C ILE B 7 -22.69 13.80 -20.43
N VAL B 8 -21.60 13.08 -20.22
CA VAL B 8 -21.46 12.29 -19.00
C VAL B 8 -20.37 12.87 -18.09
N THR B 9 -20.78 13.35 -16.93
CA THR B 9 -19.83 13.91 -15.96
C THR B 9 -19.33 12.76 -15.11
N THR B 10 -18.05 12.80 -14.76
CA THR B 10 -17.48 11.74 -13.95
C THR B 10 -16.29 12.30 -13.20
N ILE B 11 -15.51 11.43 -12.56
CA ILE B 11 -14.36 11.89 -11.80
C ILE B 11 -13.28 10.83 -11.76
N LEU B 12 -12.02 11.26 -11.74
CA LEU B 12 -10.92 10.32 -11.68
C LEU B 12 -10.97 9.63 -10.32
N GLU B 13 -10.91 8.31 -10.35
CA GLU B 13 -10.97 7.50 -9.14
C GLU B 13 -10.66 6.07 -9.54
N GLU B 14 -9.51 5.58 -9.11
CA GLU B 14 -9.07 4.24 -9.43
C GLU B 14 -9.90 3.21 -8.64
N PRO B 15 -10.37 2.13 -9.31
CA PRO B 15 -10.19 1.80 -10.73
C PRO B 15 -11.44 2.08 -11.57
N TYR B 16 -12.27 3.00 -11.10
CA TYR B 16 -13.48 3.37 -11.81
C TYR B 16 -13.23 4.19 -13.08
N VAL B 17 -12.42 5.23 -12.94
CA VAL B 17 -12.08 6.10 -14.05
C VAL B 17 -10.60 6.48 -13.91
N MET B 18 -9.80 6.14 -14.91
CA MET B 18 -8.38 6.45 -14.86
C MET B 18 -7.85 6.84 -16.24
N TYR B 19 -6.74 7.58 -16.26
CA TYR B 19 -6.13 7.97 -17.52
C TYR B 19 -5.43 6.75 -18.08
N ARG B 20 -5.79 6.36 -19.30
CA ARG B 20 -5.17 5.22 -19.94
C ARG B 20 -3.72 5.57 -20.26
N LYS B 21 -2.79 4.68 -19.89
CA LYS B 21 -1.37 4.92 -20.13
C LYS B 21 -0.98 4.63 -21.59
N SER B 22 -0.37 5.61 -22.23
CA SER B 22 0.04 5.47 -23.62
C SER B 22 1.33 6.24 -23.92
N ASP B 23 2.17 5.68 -24.78
CA ASP B 23 3.43 6.29 -25.16
C ASP B 23 3.19 7.61 -25.89
N LYS B 24 2.18 7.64 -26.74
CA LYS B 24 1.84 8.83 -27.50
C LYS B 24 0.58 9.41 -26.87
N PRO B 25 0.35 10.71 -27.04
CA PRO B 25 -0.85 11.34 -26.46
C PRO B 25 -2.16 10.75 -26.98
N LEU B 26 -3.16 10.68 -26.09
CA LEU B 26 -4.48 10.15 -26.44
C LEU B 26 -5.49 11.28 -26.54
N TYR B 27 -6.65 11.01 -27.13
CA TYR B 27 -7.67 12.04 -27.29
C TYR B 27 -9.08 11.50 -27.12
N GLY B 28 -9.99 12.36 -26.65
CA GLY B 28 -11.37 11.95 -26.45
C GLY B 28 -11.62 10.94 -25.33
N ASN B 29 -12.73 10.20 -25.46
CA ASN B 29 -13.09 9.19 -24.46
C ASN B 29 -12.03 8.10 -24.36
N ASP B 30 -11.17 8.04 -25.37
CA ASP B 30 -10.10 7.05 -25.41
C ASP B 30 -9.04 7.33 -24.36
N ARG B 31 -9.10 8.52 -23.76
CA ARG B 31 -8.14 8.89 -22.73
C ARG B 31 -8.41 8.10 -21.44
N PHE B 32 -9.67 7.73 -21.24
CA PHE B 32 -10.07 7.03 -20.03
C PHE B 32 -10.33 5.53 -20.13
N GLU B 33 -10.14 4.84 -19.02
CA GLU B 33 -10.39 3.41 -18.91
C GLU B 33 -10.77 3.11 -17.46
N GLY B 34 -11.49 2.01 -17.27
CA GLY B 34 -11.89 1.63 -15.92
C GLY B 34 -13.30 1.09 -15.85
N TYR B 35 -13.66 0.59 -14.66
CA TYR B 35 -14.98 0.04 -14.41
C TYR B 35 -16.14 0.87 -14.98
N CYS B 36 -16.19 2.15 -14.61
CA CYS B 36 -17.27 3.02 -15.06
C CYS B 36 -17.31 3.23 -16.56
N LEU B 37 -16.16 3.19 -17.22
CA LEU B 37 -16.12 3.35 -18.66
C LEU B 37 -16.70 2.10 -19.30
N ASP B 38 -16.46 0.95 -18.68
CA ASP B 38 -17.01 -0.30 -19.19
C ASP B 38 -18.53 -0.23 -19.00
N LEU B 39 -18.96 0.21 -17.82
CA LEU B 39 -20.39 0.32 -17.53
C LEU B 39 -21.07 1.23 -18.56
N LEU B 40 -20.47 2.39 -18.80
CA LEU B 40 -21.05 3.35 -19.73
C LEU B 40 -21.13 2.79 -21.15
N LYS B 41 -20.10 2.05 -21.56
CA LYS B 41 -20.13 1.47 -22.89
C LYS B 41 -21.33 0.54 -22.99
N GLU B 42 -21.51 -0.32 -22.00
CA GLU B 42 -22.63 -1.26 -21.99
C GLU B 42 -23.98 -0.55 -21.99
N LEU B 43 -24.10 0.51 -21.20
CA LEU B 43 -25.34 1.25 -21.14
C LEU B 43 -25.65 1.89 -22.50
N SER B 44 -24.64 2.49 -23.13
CA SER B 44 -24.84 3.12 -24.43
C SER B 44 -25.31 2.10 -25.45
N ASN B 45 -24.73 0.90 -25.41
CA ASN B 45 -25.09 -0.16 -26.34
C ASN B 45 -26.53 -0.62 -26.17
N ILE B 46 -26.94 -0.86 -24.93
CA ILE B 46 -28.31 -1.29 -24.66
C ILE B 46 -29.32 -0.20 -24.96
N LEU B 47 -29.02 1.02 -24.52
CA LEU B 47 -29.92 2.15 -24.71
C LEU B 47 -29.73 2.90 -26.03
N GLY B 48 -28.69 2.54 -26.78
CA GLY B 48 -28.44 3.18 -28.06
C GLY B 48 -28.19 4.67 -28.05
N PHE B 49 -27.21 5.13 -27.28
CA PHE B 49 -26.89 6.54 -27.26
C PHE B 49 -25.38 6.76 -27.38
N LEU B 50 -25.02 7.92 -27.91
CA LEU B 50 -23.62 8.28 -28.06
C LEU B 50 -23.32 9.10 -26.81
N TYR B 51 -22.05 9.17 -26.43
CA TYR B 51 -21.70 9.92 -25.21
C TYR B 51 -20.33 10.60 -25.22
N ASP B 52 -20.26 11.68 -24.45
CA ASP B 52 -19.03 12.46 -24.31
C ASP B 52 -18.67 12.54 -22.81
N VAL B 53 -17.54 11.96 -22.45
CA VAL B 53 -17.08 11.93 -21.07
C VAL B 53 -16.32 13.19 -20.65
N LYS B 54 -16.87 13.91 -19.67
CA LYS B 54 -16.24 15.12 -19.18
C LYS B 54 -16.02 15.08 -17.67
N LEU B 55 -14.76 15.19 -17.26
CA LEU B 55 -14.41 15.17 -15.83
C LEU B 55 -15.06 16.36 -15.16
N VAL B 56 -15.66 16.13 -13.99
CA VAL B 56 -16.31 17.20 -13.25
C VAL B 56 -15.27 18.31 -13.08
N PRO B 57 -15.62 19.52 -13.46
CA PRO B 57 -14.74 20.69 -13.40
C PRO B 57 -14.14 21.08 -12.04
N ASP B 58 -14.91 21.00 -10.97
CA ASP B 58 -14.37 21.36 -9.67
C ASP B 58 -13.71 20.17 -8.96
N GLY B 59 -13.64 19.03 -9.65
CA GLY B 59 -13.01 17.84 -9.10
C GLY B 59 -13.62 17.29 -7.81
N LYS B 60 -14.90 17.60 -7.58
CA LYS B 60 -15.58 17.14 -6.37
C LYS B 60 -16.71 16.18 -6.69
N TYR B 61 -17.10 15.40 -5.69
CA TYR B 61 -18.21 14.46 -5.87
C TYR B 61 -19.48 15.28 -5.70
N GLY B 62 -19.54 16.10 -4.65
CA GLY B 62 -20.71 16.93 -4.45
C GLY B 62 -21.24 17.04 -3.02
N ALA B 63 -21.32 18.26 -2.52
CA ALA B 63 -21.84 18.51 -1.18
C ALA B 63 -22.42 19.92 -1.10
N GLN B 64 -23.24 20.18 -0.08
CA GLN B 64 -23.84 21.49 0.12
C GLN B 64 -22.92 22.38 0.95
N ASN B 65 -22.67 23.60 0.49
CA ASN B 65 -21.82 24.53 1.23
C ASN B 65 -22.64 25.43 2.17
N ASP B 66 -21.97 26.39 2.79
CA ASP B 66 -22.63 27.33 3.71
C ASP B 66 -23.79 28.08 3.06
N LYS B 67 -23.70 28.27 1.75
CA LYS B 67 -24.75 28.99 1.03
C LYS B 67 -25.96 28.09 0.73
N GLY B 68 -25.85 26.82 1.09
CA GLY B 68 -26.95 25.90 0.85
C GLY B 68 -26.97 25.38 -0.58
N GLU B 69 -25.89 25.64 -1.33
CA GLU B 69 -25.80 25.20 -2.71
C GLU B 69 -24.85 24.01 -2.88
N TRP B 70 -25.11 23.20 -3.90
CA TRP B 70 -24.29 22.03 -4.18
C TRP B 70 -23.12 22.32 -5.10
N ASN B 71 -22.21 21.36 -5.23
CA ASN B 71 -21.06 21.47 -6.10
C ASN B 71 -20.79 20.10 -6.71
N GLY B 72 -19.65 19.95 -7.36
CA GLY B 72 -19.29 18.67 -7.97
C GLY B 72 -20.26 18.11 -9.00
N MET B 73 -20.23 16.79 -9.18
CA MET B 73 -21.11 16.12 -10.14
C MET B 73 -22.59 16.37 -9.89
N VAL B 74 -22.97 16.45 -8.61
CA VAL B 74 -24.36 16.69 -8.26
C VAL B 74 -24.82 18.03 -8.84
N LYS B 75 -23.96 19.03 -8.78
CA LYS B 75 -24.31 20.35 -9.32
C LYS B 75 -24.31 20.39 -10.85
N GLU B 76 -23.50 19.55 -11.48
CA GLU B 76 -23.47 19.49 -12.93
C GLU B 76 -24.83 19.01 -13.43
N LEU B 77 -25.39 18.02 -12.73
CA LEU B 77 -26.68 17.47 -13.08
C LEU B 77 -27.80 18.46 -12.78
N ILE B 78 -27.72 19.13 -11.63
CA ILE B 78 -28.74 20.09 -11.24
C ILE B 78 -28.89 21.21 -12.28
N ASP B 79 -27.76 21.80 -12.68
CA ASP B 79 -27.74 22.89 -13.65
C ASP B 79 -27.89 22.39 -15.09
N HIS B 80 -28.05 21.08 -15.24
CA HIS B 80 -28.21 20.47 -16.54
C HIS B 80 -27.03 20.61 -17.47
N ARG B 81 -25.82 20.67 -16.91
CA ARG B 81 -24.64 20.77 -17.74
C ARG B 81 -24.16 19.35 -18.04
N ALA B 82 -24.90 18.37 -17.53
CA ALA B 82 -24.57 16.97 -17.74
C ALA B 82 -25.85 16.14 -17.82
N ASP B 83 -25.88 15.17 -18.73
CA ASP B 83 -27.06 14.32 -18.88
C ASP B 83 -26.99 13.17 -17.89
N LEU B 84 -25.79 12.64 -17.70
CA LEU B 84 -25.59 11.53 -16.78
C LEU B 84 -24.33 11.71 -15.94
N ALA B 85 -24.34 11.06 -14.79
CA ALA B 85 -23.18 11.06 -13.92
C ALA B 85 -22.88 9.58 -13.77
N VAL B 86 -21.75 9.13 -14.31
CA VAL B 86 -21.39 7.73 -14.21
C VAL B 86 -20.06 7.64 -13.47
N ALA B 87 -20.14 7.25 -12.21
CA ALA B 87 -18.97 7.14 -11.36
C ALA B 87 -19.36 6.45 -10.05
N PRO B 88 -18.40 6.28 -9.14
CA PRO B 88 -18.73 5.64 -7.86
C PRO B 88 -19.44 6.74 -7.06
N LEU B 89 -20.66 7.04 -7.48
CA LEU B 89 -21.50 8.08 -6.89
C LEU B 89 -22.48 7.49 -5.88
N THR B 90 -22.31 7.87 -4.62
CA THR B 90 -23.15 7.35 -3.54
C THR B 90 -24.58 7.87 -3.54
N ILE B 91 -25.51 6.94 -3.42
CA ILE B 91 -26.93 7.25 -3.36
C ILE B 91 -27.30 7.65 -1.93
N THR B 92 -27.57 8.92 -1.70
CA THR B 92 -27.93 9.38 -0.36
C THR B 92 -29.25 10.12 -0.36
N TYR B 93 -29.92 10.09 0.79
CA TYR B 93 -31.21 10.73 0.98
C TYR B 93 -31.18 12.21 0.62
N VAL B 94 -30.17 12.94 1.10
CA VAL B 94 -30.04 14.37 0.82
C VAL B 94 -29.82 14.63 -0.67
N ARG B 95 -29.16 13.72 -1.36
CA ARG B 95 -28.94 13.91 -2.79
C ARG B 95 -30.22 13.61 -3.57
N GLU B 96 -31.00 12.65 -3.10
CA GLU B 96 -32.23 12.28 -3.78
C GLU B 96 -33.26 13.41 -3.84
N LYS B 97 -33.00 14.48 -3.09
CA LYS B 97 -33.95 15.59 -3.11
C LYS B 97 -33.58 16.63 -4.16
N VAL B 98 -32.38 16.53 -4.73
CA VAL B 98 -31.97 17.48 -5.76
C VAL B 98 -31.67 16.80 -7.11
N ILE B 99 -31.44 15.49 -7.09
CA ILE B 99 -31.19 14.74 -8.32
C ILE B 99 -31.82 13.36 -8.23
N ASP B 100 -31.78 12.62 -9.34
CA ASP B 100 -32.34 11.27 -9.37
C ASP B 100 -31.24 10.22 -9.52
N PHE B 101 -31.52 9.02 -9.08
CA PHE B 101 -30.56 7.91 -9.15
C PHE B 101 -31.21 6.68 -9.73
N SER B 102 -30.43 5.90 -10.45
CA SER B 102 -30.93 4.63 -10.99
C SER B 102 -30.76 3.68 -9.81
N LYS B 103 -31.26 2.46 -9.94
CA LYS B 103 -31.09 1.48 -8.87
C LYS B 103 -29.58 1.27 -8.82
N PRO B 104 -29.04 0.82 -7.69
CA PRO B 104 -27.59 0.62 -7.61
C PRO B 104 -26.97 -0.49 -8.43
N PHE B 105 -25.78 -0.24 -8.96
CA PHE B 105 -25.06 -1.25 -9.73
C PHE B 105 -23.99 -1.88 -8.83
N MET B 106 -23.90 -1.39 -7.59
N MET B 106 -23.91 -1.40 -7.60
CA MET B 106 -22.91 -1.88 -6.65
CA MET B 106 -22.93 -1.93 -6.65
C MET B 106 -23.27 -1.43 -5.22
C MET B 106 -23.27 -1.44 -5.24
N THR B 107 -22.99 -2.27 -4.24
CA THR B 107 -23.28 -1.91 -2.84
C THR B 107 -21.99 -1.76 -2.08
N LEU B 108 -22.00 -0.95 -1.03
CA LEU B 108 -20.83 -0.71 -0.21
C LEU B 108 -21.18 0.00 1.09
N GLY B 109 -20.14 0.47 1.80
CA GLY B 109 -20.35 1.17 3.05
C GLY B 109 -19.06 1.82 3.55
N ILE B 110 -19.20 2.80 4.43
CA ILE B 110 -18.05 3.48 5.00
C ILE B 110 -17.29 2.59 5.96
N SER B 111 -15.96 2.56 5.85
CA SER B 111 -15.16 1.80 6.79
C SER B 111 -13.83 2.53 7.03
N ILE B 112 -12.87 1.83 7.61
CA ILE B 112 -11.59 2.45 7.94
C ILE B 112 -10.38 1.82 7.27
N LEU B 113 -9.54 2.64 6.64
CA LEU B 113 -8.31 2.19 5.99
C LEU B 113 -7.17 2.64 6.91
N TYR B 114 -6.38 1.67 7.38
CA TYR B 114 -5.28 1.99 8.27
C TYR B 114 -4.19 0.94 8.08
N ARG B 115 -3.12 1.05 8.86
CA ARG B 115 -2.01 0.09 8.81
C ARG B 115 -2.35 -1.19 9.57
N LYS B 116 -1.62 -2.25 9.26
CA LYS B 116 -1.79 -3.51 9.95
C LYS B 116 -0.95 -3.45 11.22
N GLY B 117 -1.17 -4.40 12.12
CA GLY B 117 -0.39 -4.51 13.35
C GLY B 117 -0.59 -3.60 14.54
N THR B 118 -1.58 -2.73 14.50
CA THR B 118 -1.80 -1.84 15.64
C THR B 118 -2.99 -2.32 16.47
N PRO B 119 -3.15 -1.77 17.69
CA PRO B 119 -4.28 -2.16 18.54
C PRO B 119 -5.61 -1.57 18.07
N ILE B 120 -5.55 -0.55 17.21
CA ILE B 120 -6.76 0.09 16.68
C ILE B 120 -7.64 -0.98 16.02
N ASP B 121 -8.83 -1.18 16.56
CA ASP B 121 -9.71 -2.20 16.01
C ASP B 121 -11.12 -1.71 15.72
N SER B 122 -11.37 -0.42 15.92
CA SER B 122 -12.71 0.11 15.67
C SER B 122 -12.68 1.61 15.52
N ALA B 123 -13.82 2.17 15.11
CA ALA B 123 -13.94 3.62 14.96
C ALA B 123 -13.83 4.24 16.35
N ASP B 124 -14.24 3.48 17.36
CA ASP B 124 -14.18 3.96 18.74
C ASP B 124 -12.73 4.20 19.14
N ASP B 125 -11.87 3.24 18.83
CA ASP B 125 -10.46 3.36 19.18
C ASP B 125 -9.83 4.62 18.58
N LEU B 126 -10.35 5.08 17.45
CA LEU B 126 -9.83 6.29 16.84
C LEU B 126 -10.41 7.52 17.52
N ALA B 127 -11.73 7.50 17.76
CA ALA B 127 -12.44 8.60 18.37
C ALA B 127 -11.99 8.95 19.80
N LYS B 128 -11.66 7.94 20.59
CA LYS B 128 -11.24 8.18 21.97
C LYS B 128 -9.81 8.64 22.09
N GLN B 129 -9.15 8.86 20.95
CA GLN B 129 -7.76 9.26 20.95
C GLN B 129 -7.44 10.43 20.00
N THR B 130 -6.25 11.03 20.13
CA THR B 130 -5.88 12.16 19.27
C THR B 130 -4.49 12.09 18.61
N LYS B 131 -3.67 11.11 18.99
CA LYS B 131 -2.34 11.01 18.40
C LYS B 131 -2.43 10.65 16.92
N ILE B 132 -3.24 9.66 16.62
CA ILE B 132 -3.43 9.21 15.24
C ILE B 132 -4.48 10.13 14.63
N GLU B 133 -4.12 10.85 13.58
CA GLU B 133 -5.11 11.70 12.94
C GLU B 133 -5.93 10.83 11.99
N TYR B 134 -7.08 11.33 11.57
CA TYR B 134 -7.95 10.60 10.66
C TYR B 134 -8.92 11.56 9.98
N GLY B 135 -9.46 11.15 8.84
CA GLY B 135 -10.38 12.01 8.11
C GLY B 135 -11.02 11.35 6.91
N ALA B 136 -11.35 12.17 5.91
CA ALA B 136 -11.99 11.66 4.70
C ALA B 136 -11.82 12.64 3.55
N VAL B 137 -12.27 12.23 2.37
CA VAL B 137 -12.18 13.07 1.19
C VAL B 137 -13.18 14.22 1.33
N ARG B 138 -12.72 15.44 1.06
CA ARG B 138 -13.54 16.63 1.17
C ARG B 138 -14.67 16.68 0.13
N ASP B 139 -15.83 17.18 0.53
CA ASP B 139 -16.97 17.31 -0.36
C ASP B 139 -17.56 16.01 -0.91
N GLY B 140 -17.40 14.91 -0.18
CA GLY B 140 -17.95 13.64 -0.61
C GLY B 140 -19.06 13.23 0.35
N SER B 141 -19.70 12.10 0.09
CA SER B 141 -20.79 11.61 0.96
C SER B 141 -20.26 11.16 2.34
N THR B 142 -19.00 10.74 2.40
CA THR B 142 -18.44 10.31 3.67
C THR B 142 -18.26 11.52 4.60
N MET B 143 -17.73 12.61 4.06
CA MET B 143 -17.56 13.80 4.87
C MET B 143 -18.92 14.24 5.42
N THR B 144 -19.93 14.23 4.55
CA THR B 144 -21.27 14.65 4.93
C THR B 144 -21.83 13.77 6.05
N PHE B 145 -21.70 12.45 5.90
CA PHE B 145 -22.17 11.49 6.90
C PHE B 145 -21.70 11.89 8.30
N PHE B 146 -20.42 12.21 8.40
CA PHE B 146 -19.84 12.59 9.68
C PHE B 146 -20.27 13.99 10.14
N LYS B 147 -20.35 14.92 9.20
CA LYS B 147 -20.76 16.28 9.49
C LYS B 147 -22.20 16.31 10.02
N LYS B 148 -23.05 15.48 9.42
CA LYS B 148 -24.47 15.44 9.80
C LYS B 148 -24.87 14.35 10.81
N SER B 149 -23.93 13.52 11.24
CA SER B 149 -24.28 12.46 12.18
C SER B 149 -24.71 12.96 13.57
N LYS B 150 -25.63 12.21 14.17
CA LYS B 150 -26.12 12.53 15.51
C LYS B 150 -25.64 11.47 16.48
N ILE B 151 -24.80 10.57 15.99
N ILE B 151 -24.80 10.57 15.99
CA ILE B 151 -24.24 9.50 16.81
CA ILE B 151 -24.25 9.53 16.82
C ILE B 151 -23.00 10.02 17.52
C ILE B 151 -23.01 10.06 17.52
N SER B 152 -23.05 10.06 18.85
CA SER B 152 -21.95 10.53 19.69
C SER B 152 -20.55 10.34 19.10
N THR B 153 -20.11 9.09 19.01
CA THR B 153 -18.79 8.79 18.48
C THR B 153 -18.48 9.51 17.17
N TYR B 154 -19.41 9.45 16.23
CA TYR B 154 -19.20 10.08 14.93
C TYR B 154 -19.19 11.60 15.04
N GLU B 155 -19.96 12.15 15.97
CA GLU B 155 -19.98 13.59 16.14
C GLU B 155 -18.60 14.02 16.64
N LYS B 156 -18.03 13.25 17.57
CA LYS B 156 -16.73 13.57 18.11
C LYS B 156 -15.68 13.41 17.01
N MET B 157 -15.85 12.39 16.17
CA MET B 157 -14.92 12.17 15.06
C MET B 157 -14.98 13.33 14.07
N TRP B 158 -16.17 13.86 13.82
CA TRP B 158 -16.30 14.98 12.90
C TRP B 158 -15.63 16.23 13.46
N ALA B 159 -15.85 16.52 14.75
CA ALA B 159 -15.24 17.69 15.37
C ALA B 159 -13.71 17.64 15.19
N PHE B 160 -13.16 16.44 15.32
CA PHE B 160 -11.73 16.21 15.21
C PHE B 160 -11.20 16.27 13.76
N MET B 161 -11.73 15.42 12.88
CA MET B 161 -11.26 15.41 11.50
C MET B 161 -11.42 16.73 10.75
N SER B 162 -12.30 17.61 11.24
CA SER B 162 -12.51 18.89 10.58
C SER B 162 -11.78 20.05 11.26
N SER B 163 -10.90 19.77 12.21
CA SER B 163 -10.20 20.86 12.91
C SER B 163 -8.72 20.66 13.19
N ARG B 164 -8.02 19.92 12.33
CA ARG B 164 -6.59 19.69 12.54
C ARG B 164 -5.73 20.80 11.95
N GLN B 165 -4.54 21.00 12.53
CA GLN B 165 -3.61 22.02 12.07
C GLN B 165 -3.47 21.85 10.56
N GLN B 166 -3.09 20.65 10.15
CA GLN B 166 -3.00 20.31 8.74
C GLN B 166 -4.30 19.57 8.48
N SER B 167 -5.14 20.13 7.61
CA SER B 167 -6.44 19.55 7.29
C SER B 167 -6.44 18.03 7.13
N ALA B 168 -7.40 17.38 7.77
CA ALA B 168 -7.54 15.92 7.69
C ALA B 168 -8.49 15.53 6.57
N LEU B 169 -9.10 16.53 5.92
CA LEU B 169 -10.03 16.27 4.81
C LEU B 169 -9.28 16.46 3.50
N VAL B 170 -8.72 15.36 3.00
CA VAL B 170 -7.93 15.35 1.77
C VAL B 170 -8.67 15.74 0.50
N LYS B 171 -7.91 16.19 -0.49
CA LYS B 171 -8.47 16.62 -1.77
C LYS B 171 -9.10 15.48 -2.56
N ASN B 172 -8.47 14.31 -2.50
CA ASN B 172 -9.00 13.13 -3.19
C ASN B 172 -8.53 11.86 -2.47
N SER B 173 -9.09 10.73 -2.86
CA SER B 173 -8.74 9.47 -2.23
C SER B 173 -7.25 9.14 -2.28
N ASP B 174 -6.60 9.47 -3.39
N ASP B 174 -6.59 9.45 -3.39
CA ASP B 174 -5.18 9.19 -3.55
CA ASP B 174 -5.17 9.16 -3.51
C ASP B 174 -4.36 9.95 -2.52
C ASP B 174 -4.34 9.96 -2.50
N GLU B 175 -4.74 11.21 -2.27
CA GLU B 175 -4.03 12.03 -1.29
C GLU B 175 -4.18 11.35 0.05
N GLY B 176 -5.39 10.84 0.31
CA GLY B 176 -5.66 10.17 1.57
C GLY B 176 -4.84 8.90 1.73
N ILE B 177 -4.78 8.09 0.68
CA ILE B 177 -4.03 6.84 0.74
C ILE B 177 -2.55 7.12 1.06
N GLN B 178 -1.96 8.12 0.40
CA GLN B 178 -0.57 8.44 0.66
C GLN B 178 -0.38 8.84 2.13
N ARG B 179 -1.37 9.51 2.70
CA ARG B 179 -1.28 9.92 4.08
C ARG B 179 -1.22 8.69 5.00
N VAL B 180 -2.03 7.68 4.70
CA VAL B 180 -2.06 6.46 5.49
C VAL B 180 -0.76 5.67 5.37
N LEU B 181 -0.12 5.78 4.20
CA LEU B 181 1.12 5.08 3.95
C LEU B 181 2.36 5.77 4.53
N THR B 182 2.39 7.10 4.48
CA THR B 182 3.54 7.87 4.95
C THR B 182 3.47 8.49 6.33
N THR B 183 2.33 8.42 7.00
CA THR B 183 2.20 9.01 8.33
C THR B 183 1.19 8.23 9.17
N ASP B 184 1.09 8.56 10.45
CA ASP B 184 0.15 7.90 11.34
C ASP B 184 -1.22 8.53 11.09
N TYR B 185 -1.90 8.03 10.06
CA TYR B 185 -3.21 8.56 9.67
C TYR B 185 -4.12 7.44 9.18
N ALA B 186 -5.39 7.51 9.57
CA ALA B 186 -6.39 6.51 9.16
C ALA B 186 -7.39 7.21 8.23
N LEU B 187 -7.74 6.56 7.12
CA LEU B 187 -8.67 7.15 6.19
C LEU B 187 -10.04 6.50 6.20
N LEU B 188 -11.08 7.31 6.36
CA LEU B 188 -12.43 6.80 6.35
C LEU B 188 -12.87 6.81 4.88
N MET B 189 -13.09 5.63 4.32
CA MET B 189 -13.50 5.54 2.93
C MET B 189 -14.41 4.35 2.68
N GLU B 190 -15.11 4.40 1.56
CA GLU B 190 -16.04 3.33 1.22
C GLU B 190 -15.31 2.02 0.97
N SER B 191 -15.90 0.96 1.53
CA SER B 191 -15.37 -0.41 1.51
C SER B 191 -14.91 -1.00 0.18
N THR B 192 -15.66 -0.78 -0.89
CA THR B 192 -15.27 -1.33 -2.17
C THR B 192 -13.88 -0.85 -2.61
N SER B 193 -13.53 0.39 -2.28
CA SER B 193 -12.22 0.93 -2.62
C SER B 193 -11.18 0.46 -1.60
N ILE B 194 -11.60 0.21 -0.37
CA ILE B 194 -10.68 -0.27 0.65
C ILE B 194 -10.18 -1.64 0.23
N GLU B 195 -11.06 -2.42 -0.38
CA GLU B 195 -10.73 -3.78 -0.83
C GLU B 195 -9.73 -3.67 -1.98
N TYR B 196 -9.95 -2.68 -2.84
CA TYR B 196 -9.08 -2.46 -3.97
C TYR B 196 -7.69 -2.07 -3.46
N VAL B 197 -7.66 -1.10 -2.55
CA VAL B 197 -6.41 -0.61 -2.00
C VAL B 197 -5.62 -1.61 -1.15
N THR B 198 -6.30 -2.34 -0.25
CA THR B 198 -5.63 -3.30 0.60
C THR B 198 -5.07 -4.49 -0.17
N GLN B 199 -5.62 -4.80 -1.34
CA GLN B 199 -5.11 -5.93 -2.10
C GLN B 199 -3.84 -5.53 -2.83
N ARG B 200 -3.66 -4.22 -3.01
CA ARG B 200 -2.50 -3.67 -3.71
C ARG B 200 -1.49 -3.08 -2.73
N ASN B 201 -1.84 -3.11 -1.43
CA ASN B 201 -0.98 -2.59 -0.37
C ASN B 201 -1.15 -3.52 0.82
N CYS B 202 -0.42 -4.62 0.77
CA CYS B 202 -0.50 -5.63 1.81
C CYS B 202 -0.15 -5.21 3.23
N ASN B 203 0.36 -4.00 3.39
CA ASN B 203 0.70 -3.51 4.73
C ASN B 203 -0.52 -2.77 5.30
N LEU B 204 -1.54 -2.61 4.47
CA LEU B 204 -2.76 -1.92 4.90
C LEU B 204 -3.91 -2.90 5.13
N THR B 205 -4.94 -2.44 5.83
CA THR B 205 -6.10 -3.26 6.12
C THR B 205 -7.30 -2.43 6.51
N GLN B 206 -8.47 -3.06 6.47
CA GLN B 206 -9.68 -2.38 6.87
C GLN B 206 -9.80 -2.58 8.37
N ILE B 207 -10.20 -1.55 9.10
CA ILE B 207 -10.37 -1.65 10.55
C ILE B 207 -11.88 -1.78 10.83
N GLY B 208 -12.27 -2.83 11.54
CA GLY B 208 -13.68 -3.03 11.82
C GLY B 208 -14.47 -3.33 10.56
N GLY B 209 -15.81 -3.28 10.64
CA GLY B 209 -16.62 -3.55 9.47
C GLY B 209 -17.22 -2.28 8.91
N LEU B 210 -18.27 -2.41 8.11
CA LEU B 210 -18.94 -1.26 7.51
C LEU B 210 -19.84 -0.58 8.56
N ILE B 211 -19.76 0.75 8.63
CA ILE B 211 -20.57 1.50 9.59
C ILE B 211 -21.91 1.99 9.01
N ASP B 212 -22.14 1.73 7.72
CA ASP B 212 -23.41 2.04 7.08
C ASP B 212 -23.49 1.21 5.80
N SER B 213 -24.63 1.22 5.13
CA SER B 213 -24.78 0.41 3.94
C SER B 213 -25.54 1.19 2.87
N LYS B 214 -24.86 1.40 1.75
CA LYS B 214 -25.41 2.17 0.63
C LYS B 214 -25.09 1.52 -0.71
N GLY B 215 -25.36 2.24 -1.78
CA GLY B 215 -25.05 1.73 -3.11
C GLY B 215 -24.68 2.87 -4.05
N TYR B 216 -24.03 2.53 -5.16
CA TYR B 216 -23.66 3.53 -6.17
C TYR B 216 -24.74 3.42 -7.26
N GLY B 217 -25.16 4.55 -7.79
CA GLY B 217 -26.17 4.55 -8.85
C GLY B 217 -25.83 5.59 -9.89
N VAL B 218 -26.41 5.46 -11.09
CA VAL B 218 -26.15 6.44 -12.14
C VAL B 218 -26.96 7.70 -11.85
N GLY B 219 -26.30 8.85 -11.88
CA GLY B 219 -27.03 10.06 -11.59
C GLY B 219 -27.62 10.73 -12.81
N THR B 220 -28.80 11.32 -12.66
CA THR B 220 -29.48 12.04 -13.72
C THR B 220 -30.26 13.19 -13.08
N PRO B 221 -30.54 14.25 -13.84
CA PRO B 221 -31.29 15.35 -13.25
C PRO B 221 -32.70 14.86 -12.90
N ILE B 222 -33.35 15.53 -11.96
CA ILE B 222 -34.68 15.12 -11.58
C ILE B 222 -35.57 15.17 -12.81
N GLY B 223 -36.41 14.14 -12.99
CA GLY B 223 -37.30 14.10 -14.14
C GLY B 223 -36.73 13.53 -15.43
N SER B 224 -35.47 13.14 -15.41
CA SER B 224 -34.84 12.57 -16.61
C SER B 224 -35.43 11.20 -16.95
N PRO B 225 -35.77 10.98 -18.23
CA PRO B 225 -36.34 9.71 -18.67
C PRO B 225 -35.30 8.58 -18.74
N TYR B 226 -34.03 8.96 -18.80
CA TYR B 226 -32.95 7.98 -18.88
C TYR B 226 -32.80 7.18 -17.58
N ARG B 227 -33.29 7.73 -16.48
CA ARG B 227 -33.15 7.06 -15.19
C ARG B 227 -33.85 5.70 -15.09
N ASP B 228 -35.15 5.66 -15.40
CA ASP B 228 -35.86 4.40 -15.33
C ASP B 228 -35.29 3.43 -16.36
N LYS B 229 -34.80 3.96 -17.47
CA LYS B 229 -34.25 3.13 -18.53
C LYS B 229 -32.90 2.54 -18.17
N ILE B 230 -32.13 3.28 -17.39
CA ILE B 230 -30.82 2.82 -16.97
C ILE B 230 -30.99 1.74 -15.89
N THR B 231 -32.01 1.89 -15.06
CA THR B 231 -32.30 0.92 -14.02
C THR B 231 -32.58 -0.42 -14.70
N ILE B 232 -33.40 -0.37 -15.75
CA ILE B 232 -33.76 -1.57 -16.50
C ILE B 232 -32.51 -2.16 -17.17
N ALA B 233 -31.62 -1.31 -17.65
CA ALA B 233 -30.38 -1.76 -18.30
C ALA B 233 -29.43 -2.38 -17.26
N ILE B 234 -29.36 -1.79 -16.07
CA ILE B 234 -28.50 -2.31 -15.02
C ILE B 234 -28.99 -3.71 -14.59
N LEU B 235 -30.29 -3.89 -14.52
CA LEU B 235 -30.84 -5.19 -14.12
C LEU B 235 -30.50 -6.23 -15.19
N GLN B 236 -30.48 -5.82 -16.45
CA GLN B 236 -30.14 -6.77 -17.53
C GLN B 236 -28.66 -7.13 -17.41
N LEU B 237 -27.84 -6.14 -17.12
CA LEU B 237 -26.41 -6.34 -16.97
C LEU B 237 -26.09 -7.31 -15.82
N GLN B 238 -26.83 -7.19 -14.73
N GLN B 238 -26.82 -7.20 -14.71
CA GLN B 238 -26.63 -8.06 -13.57
CA GLN B 238 -26.57 -8.10 -13.59
C GLN B 238 -27.07 -9.49 -13.89
C GLN B 238 -27.07 -9.51 -13.88
N GLU B 239 -28.25 -9.61 -14.50
CA GLU B 239 -28.77 -10.92 -14.85
C GLU B 239 -27.90 -11.66 -15.86
N GLU B 240 -27.21 -10.91 -16.72
CA GLU B 240 -26.33 -11.53 -17.71
C GLU B 240 -24.95 -11.87 -17.14
N GLY B 241 -24.66 -11.40 -15.93
CA GLY B 241 -23.36 -11.67 -15.33
C GLY B 241 -22.32 -10.61 -15.70
N LYS B 242 -22.72 -9.63 -16.52
CA LYS B 242 -21.82 -8.57 -16.95
C LYS B 242 -21.24 -7.75 -15.79
N LEU B 243 -22.05 -7.39 -14.81
CA LEU B 243 -21.56 -6.61 -13.68
C LEU B 243 -20.50 -7.40 -12.92
N HIS B 244 -20.65 -8.72 -12.88
CA HIS B 244 -19.69 -9.57 -12.20
C HIS B 244 -18.39 -9.58 -13.02
N MET B 245 -18.52 -9.68 -14.33
CA MET B 245 -17.35 -9.66 -15.20
C MET B 245 -16.56 -8.37 -14.99
N MET B 246 -17.27 -7.26 -14.92
CA MET B 246 -16.65 -5.95 -14.72
C MET B 246 -15.93 -5.83 -13.37
N LYS B 247 -16.54 -6.36 -12.32
CA LYS B 247 -15.93 -6.30 -11.00
C LYS B 247 -14.64 -7.12 -10.96
N GLU B 248 -14.69 -8.33 -11.52
CA GLU B 248 -13.53 -9.23 -11.55
C GLU B 248 -12.38 -8.65 -12.38
N LYS B 249 -12.73 -7.95 -13.44
CA LYS B 249 -11.73 -7.35 -14.30
C LYS B 249 -10.94 -6.23 -13.63
N TRP B 250 -11.62 -5.32 -12.95
CA TRP B 250 -10.93 -4.20 -12.32
C TRP B 250 -10.42 -4.39 -10.90
N TRP B 251 -10.90 -5.40 -10.20
CA TRP B 251 -10.43 -5.67 -8.84
C TRP B 251 -9.48 -6.87 -8.88
N ARG B 252 -9.13 -7.31 -10.08
CA ARG B 252 -8.25 -8.46 -10.24
C ARG B 252 -6.86 -8.22 -9.67
N GLY B 253 -6.27 -9.27 -9.12
CA GLY B 253 -4.95 -9.17 -8.54
C GLY B 253 -4.65 -10.40 -7.70
N ASN B 254 -3.53 -10.37 -6.98
CA ASN B 254 -3.15 -11.50 -6.12
C ASN B 254 -3.44 -11.07 -4.68
N GLY B 255 -3.93 -11.99 -3.87
CA GLY B 255 -4.22 -11.67 -2.49
C GLY B 255 -3.03 -11.10 -1.72
N CYS B 256 -3.07 -11.20 -0.41
CA CYS B 256 -1.98 -10.69 0.42
C CYS B 256 -1.37 -11.71 1.36
N PRO B 257 -0.47 -12.57 0.84
CA PRO B 257 0.19 -13.56 1.68
C PRO B 257 1.71 -13.43 1.56
#